data_6WS1
#
_entry.id   6WS1
#
_cell.length_a   93.886
_cell.length_b   93.886
_cell.length_c   188.272
_cell.angle_alpha   90.000
_cell.angle_beta   90.000
_cell.angle_gamma   90.000
#
_symmetry.space_group_name_H-M   'P 43 21 2'
#
loop_
_entity.id
_entity.type
_entity.pdbx_description
1 polymer 'Phenylethanolamine N-methyltransferase'
2 non-polymer S-ADENOSYL-L-HOMOCYSTEINE
3 non-polymer 1,2-ETHANEDIOL
4 non-polymer 'CADMIUM ION'
5 non-polymer 'POTASSIUM ION'
6 non-polymer "5'-([(3S)-3-amino-3-carboxypropyl]{3-[(4R)-7,8-dichloro-1,2,3,4-tetrahydroisoquinolin-4-yl]propyl}amino)-5'-deoxyadenosine"
7 water water
#
_entity_poly.entity_id   1
_entity_poly.type   'polypeptide(L)'
_entity_poly.pdbx_seq_one_letter_code
;HHHHHHLVPRGSMSGADRSPNAGAAPDSAPGQAAVASAYQRFEPRAYLRNNYAPPRGDLCNPNGVGPWKLRCLAQTFATG
EVSGRTLIDIGSGPTVYQLLSACSHFEDITMTDFLEVNRQELGRWLQEEPGAFNWSMYSQHACLIEGKGECWQDKERQLR
ARVKRVLPIDVHQPQPLGAGSPAPLPADALVSAFCLEAVSPDLASFQRALDHITTLLRPGGHLLLIGALEESWYLAGEAR
LTVVPVSEEEVREALVRSGYKVRDLRTYIMPAHLQTGVDDVKGVFFAWAQKVGL
;
_entity_poly.pdbx_strand_id   A,B
#
loop_
_chem_comp.id
_chem_comp.type
_chem_comp.name
_chem_comp.formula
CD non-polymer 'CADMIUM ION' 'Cd 2'
EDO non-polymer 1,2-ETHANEDIOL 'C2 H6 O2'
K non-polymer 'POTASSIUM ION' 'K 1'
SAH non-polymer S-ADENOSYL-L-HOMOCYSTEINE 'C14 H20 N6 O5 S'
U87 non-polymer 5'-([(3S)-3-amino-3-carboxypropyl]{3-[(4R)-7,8-dichloro-1,2,3,4-tetrahydroisoquinolin-4-yl]propyl}amino)-5'-deoxyadenosine 'C26 H34 Cl2 N8 O5'
#
# COMPACT_ATOMS: atom_id res chain seq x y z
N ALA A 33 -10.55 -39.67 -22.40
CA ALA A 33 -11.08 -39.25 -23.70
C ALA A 33 -12.32 -38.38 -23.54
N ALA A 34 -13.22 -38.78 -22.64
CA ALA A 34 -14.36 -37.93 -22.30
C ALA A 34 -13.87 -36.71 -21.54
N VAL A 35 -14.23 -35.51 -22.04
CA VAL A 35 -13.61 -34.25 -21.65
C VAL A 35 -14.68 -33.25 -21.19
N ALA A 36 -14.28 -32.36 -20.26
CA ALA A 36 -15.14 -31.41 -19.55
C ALA A 36 -15.72 -30.31 -20.45
N SER A 37 -16.84 -30.63 -21.10
CA SER A 37 -17.53 -29.65 -21.93
C SER A 37 -18.05 -28.46 -21.13
N ALA A 38 -18.17 -28.63 -19.80
CA ALA A 38 -18.87 -27.68 -18.94
C ALA A 38 -18.32 -26.27 -19.00
N TYR A 39 -17.16 -26.06 -19.60
CA TYR A 39 -16.46 -24.79 -19.48
C TYR A 39 -16.97 -23.73 -20.46
N GLN A 40 -17.79 -24.07 -21.45
CA GLN A 40 -18.29 -23.01 -22.31
C GLN A 40 -19.33 -22.13 -21.61
N ARG A 41 -19.81 -22.53 -20.43
CA ARG A 41 -20.84 -21.81 -19.71
C ARG A 41 -20.26 -20.91 -18.61
N PHE A 42 -18.93 -20.82 -18.56
CA PHE A 42 -18.16 -20.22 -17.47
C PHE A 42 -18.15 -18.70 -17.59
N GLU A 43 -18.86 -18.01 -16.69
CA GLU A 43 -18.84 -16.54 -16.62
C GLU A 43 -17.58 -16.07 -15.89
N PRO A 44 -16.67 -15.33 -16.54
CA PRO A 44 -15.48 -14.86 -15.80
C PRO A 44 -15.82 -13.89 -14.68
N ARG A 45 -16.73 -12.94 -14.93
CA ARG A 45 -17.01 -11.95 -13.89
C ARG A 45 -17.66 -12.56 -12.67
N ALA A 46 -18.30 -13.71 -12.78
CA ALA A 46 -18.89 -14.32 -11.60
C ALA A 46 -17.92 -15.21 -10.85
N TYR A 47 -16.96 -15.81 -11.56
CA TYR A 47 -15.84 -16.44 -10.88
C TYR A 47 -15.05 -15.42 -10.06
N LEU A 48 -14.91 -14.20 -10.58
CA LEU A 48 -14.10 -13.19 -9.92
C LEU A 48 -14.77 -12.68 -8.65
N ARG A 49 -16.10 -12.49 -8.66
CA ARG A 49 -16.81 -12.18 -7.44
C ARG A 49 -16.78 -13.35 -6.45
N ASN A 50 -16.70 -14.59 -6.95
CA ASN A 50 -16.77 -15.76 -6.09
C ASN A 50 -15.50 -15.95 -5.27
N ASN A 51 -14.36 -15.50 -5.78
CA ASN A 51 -13.07 -16.00 -5.30
C ASN A 51 -12.13 -14.90 -4.86
N TYR A 52 -12.22 -13.74 -5.53
CA TYR A 52 -11.26 -12.66 -5.33
C TYR A 52 -11.92 -11.35 -4.97
N ALA A 53 -13.21 -11.34 -4.73
CA ALA A 53 -13.88 -10.29 -4.00
C ALA A 53 -14.11 -10.75 -2.57
N PRO A 54 -14.37 -9.85 -1.61
CA PRO A 54 -14.41 -10.27 -0.21
C PRO A 54 -15.62 -11.22 0.04
N PRO A 55 -15.51 -12.09 1.05
CA PRO A 55 -14.51 -12.31 2.10
C PRO A 55 -13.15 -12.85 1.63
N ARG A 56 -13.11 -13.84 0.73
CA ARG A 56 -11.84 -14.47 0.37
C ARG A 56 -10.84 -13.44 -0.18
N GLY A 57 -11.32 -12.38 -0.82
CA GLY A 57 -10.48 -11.34 -1.38
C GLY A 57 -10.35 -10.08 -0.54
N ASP A 58 -10.44 -10.27 0.78
CA ASP A 58 -10.18 -9.21 1.75
C ASP A 58 -8.82 -9.51 2.35
N LEU A 59 -7.82 -8.74 1.93
CA LEU A 59 -6.45 -9.05 2.29
C LEU A 59 -6.08 -8.52 3.66
N CYS A 60 -7.03 -7.85 4.34
CA CYS A 60 -6.75 -7.27 5.64
C CYS A 60 -6.52 -8.33 6.71
N ASN A 61 -7.34 -9.38 6.74
CA ASN A 61 -7.07 -10.46 7.72
C ASN A 61 -5.89 -11.30 7.24
N PRO A 62 -4.79 -11.37 7.99
CA PRO A 62 -3.60 -12.08 7.51
C PRO A 62 -3.62 -13.58 7.74
N ASN A 63 -4.63 -14.13 8.41
CA ASN A 63 -4.79 -15.56 8.47
C ASN A 63 -5.68 -16.06 7.34
N GLY A 64 -5.87 -15.23 6.32
CA GLY A 64 -6.77 -15.54 5.24
C GLY A 64 -6.06 -16.14 4.04
N VAL A 65 -6.87 -16.63 3.09
CA VAL A 65 -6.29 -17.44 2.03
C VAL A 65 -5.61 -16.57 0.98
N GLY A 66 -6.06 -15.33 0.80
CA GLY A 66 -5.43 -14.42 -0.11
C GLY A 66 -4.01 -14.05 0.31
N PRO A 67 -3.84 -13.50 1.52
CA PRO A 67 -2.48 -13.25 2.02
C PRO A 67 -1.59 -14.48 2.00
N TRP A 68 -2.15 -15.62 2.41
CA TRP A 68 -1.35 -16.84 2.48
C TRP A 68 -0.75 -17.18 1.12
N LYS A 69 -1.57 -17.14 0.07
CA LYS A 69 -1.09 -17.44 -1.27
C LYS A 69 0.04 -16.50 -1.67
N LEU A 70 -0.16 -15.19 -1.46
CA LEU A 70 0.84 -14.21 -1.88
C LEU A 70 2.15 -14.41 -1.13
N ARG A 71 2.08 -14.74 0.16
CA ARG A 71 3.30 -15.02 0.92
C ARG A 71 4.12 -16.14 0.28
N CYS A 72 3.47 -17.27 -0.04
CA CYS A 72 4.21 -18.39 -0.62
C CYS A 72 5.02 -17.98 -1.82
N LEU A 73 4.44 -17.12 -2.68
N LEU A 73 4.44 -17.12 -2.68
CA LEU A 73 5.13 -16.73 -3.89
CA LEU A 73 5.13 -16.73 -3.89
C LEU A 73 6.30 -15.80 -3.58
N ALA A 74 6.06 -14.76 -2.78
CA ALA A 74 7.12 -13.83 -2.42
C ALA A 74 8.28 -14.54 -1.73
N GLN A 75 7.97 -15.45 -0.82
CA GLN A 75 9.04 -16.16 -0.13
C GLN A 75 9.86 -17.00 -1.09
N THR A 76 9.18 -17.72 -2.01
CA THR A 76 9.90 -18.53 -2.99
C THR A 76 10.79 -17.67 -3.88
N PHE A 77 10.38 -16.43 -4.18
CA PHE A 77 11.18 -15.60 -5.06
C PHE A 77 12.29 -14.87 -4.31
N ALA A 78 11.97 -14.32 -3.13
CA ALA A 78 12.97 -13.69 -2.26
C ALA A 78 14.21 -14.55 -2.06
N THR A 79 14.16 -15.84 -2.41
CA THR A 79 15.37 -16.66 -2.41
C THR A 79 16.25 -16.35 -3.62
N GLY A 80 15.69 -15.73 -4.65
CA GLY A 80 16.45 -15.49 -5.87
C GLY A 80 16.80 -16.73 -6.66
N GLU A 81 16.54 -17.93 -6.12
CA GLU A 81 16.87 -19.20 -6.75
C GLU A 81 15.96 -19.57 -7.90
N VAL A 82 14.80 -18.92 -7.98
CA VAL A 82 13.98 -18.92 -9.18
C VAL A 82 14.25 -17.60 -9.89
N SER A 83 14.73 -17.69 -11.12
CA SER A 83 15.19 -16.54 -11.89
C SER A 83 15.43 -16.98 -13.33
N GLY A 84 15.56 -16.00 -14.20
CA GLY A 84 15.84 -16.26 -15.60
C GLY A 84 15.18 -15.22 -16.47
N ARG A 85 14.91 -15.63 -17.70
CA ARG A 85 14.46 -14.72 -18.75
C ARG A 85 13.01 -14.92 -19.16
N THR A 86 12.50 -16.16 -19.14
CA THR A 86 11.17 -16.48 -19.65
C THR A 86 10.36 -17.25 -18.61
N LEU A 87 9.07 -16.95 -18.57
CA LEU A 87 8.13 -17.62 -17.68
C LEU A 87 6.79 -17.75 -18.37
N ILE A 88 6.09 -18.85 -18.10
CA ILE A 88 4.81 -19.18 -18.72
C ILE A 88 3.81 -19.44 -17.60
N ASP A 89 2.63 -18.81 -17.67
CA ASP A 89 1.58 -19.03 -16.68
C ASP A 89 0.43 -19.84 -17.28
N ILE A 90 0.21 -21.06 -16.78
CA ILE A 90 -0.69 -22.03 -17.37
C ILE A 90 -2.05 -21.99 -16.68
N GLY A 91 -3.11 -21.85 -17.47
CA GLY A 91 -4.45 -21.73 -16.92
C GLY A 91 -4.63 -20.49 -16.07
N SER A 92 -4.09 -19.35 -16.54
CA SER A 92 -4.13 -18.13 -15.74
C SER A 92 -5.56 -17.74 -15.37
N GLY A 93 -6.51 -18.05 -16.24
CA GLY A 93 -7.87 -17.60 -16.03
C GLY A 93 -7.94 -16.10 -16.19
N PRO A 94 -8.86 -15.48 -15.49
CA PRO A 94 -8.94 -14.01 -15.53
C PRO A 94 -8.30 -13.41 -14.31
N THR A 95 -7.10 -13.87 -13.94
CA THR A 95 -6.42 -13.42 -12.73
C THR A 95 -4.96 -13.10 -13.05
N VAL A 96 -4.37 -12.28 -12.19
CA VAL A 96 -3.02 -11.79 -12.45
C VAL A 96 -2.17 -11.79 -11.17
N TYR A 97 -2.82 -12.00 -10.02
CA TYR A 97 -2.14 -11.94 -8.74
C TYR A 97 -0.95 -12.89 -8.67
N GLN A 98 -0.97 -13.96 -9.46
CA GLN A 98 0.04 -14.99 -9.32
C GLN A 98 1.35 -14.63 -10.02
N LEU A 99 1.50 -13.41 -10.53
CA LEU A 99 2.77 -12.99 -11.12
C LEU A 99 3.32 -11.72 -10.49
N LEU A 100 2.66 -11.19 -9.45
CA LEU A 100 3.10 -9.95 -8.80
C LEU A 100 4.53 -10.07 -8.28
N SER A 101 4.75 -11.05 -7.39
CA SER A 101 6.10 -11.34 -6.94
C SER A 101 6.99 -11.82 -8.08
N ALA A 102 6.40 -12.30 -9.17
CA ALA A 102 7.18 -13.02 -10.16
C ALA A 102 7.92 -12.08 -11.11
N CYS A 103 7.24 -11.03 -11.59
CA CYS A 103 7.76 -10.24 -12.71
C CYS A 103 9.07 -9.53 -12.38
N SER A 104 9.45 -9.44 -11.11
CA SER A 104 10.73 -8.84 -10.77
C SER A 104 11.90 -9.76 -11.06
N HIS A 105 11.64 -10.97 -11.59
CA HIS A 105 12.68 -11.97 -11.81
C HIS A 105 12.74 -12.55 -13.21
N PHE A 106 11.78 -12.22 -14.09
CA PHE A 106 11.77 -12.68 -15.48
C PHE A 106 11.36 -11.53 -16.39
N GLU A 107 12.12 -11.32 -17.47
CA GLU A 107 11.86 -10.15 -18.32
C GLU A 107 10.79 -10.41 -19.36
N ASP A 108 10.53 -11.66 -19.71
CA ASP A 108 9.59 -12.04 -20.76
C ASP A 108 8.69 -13.14 -20.22
N ILE A 109 7.43 -12.80 -19.97
CA ILE A 109 6.49 -13.80 -19.49
C ILE A 109 5.29 -13.80 -20.44
N THR A 110 4.64 -14.97 -20.54
CA THR A 110 3.44 -15.10 -21.36
C THR A 110 2.35 -15.81 -20.54
N MET A 111 1.12 -15.35 -20.71
CA MET A 111 -0.03 -15.84 -19.97
C MET A 111 -0.94 -16.64 -20.90
N THR A 112 -1.54 -17.70 -20.37
CA THR A 112 -2.25 -18.69 -21.15
C THR A 112 -3.55 -19.08 -20.48
N ASP A 113 -4.62 -19.28 -21.29
CA ASP A 113 -5.85 -19.89 -20.80
C ASP A 113 -6.64 -20.51 -21.96
N PHE A 114 -7.41 -21.54 -21.60
CA PHE A 114 -8.20 -22.31 -22.57
C PHE A 114 -9.31 -21.47 -23.20
N LEU A 115 -9.90 -20.54 -22.45
CA LEU A 115 -11.13 -19.86 -22.86
C LEU A 115 -10.87 -18.43 -23.31
N GLU A 116 -11.56 -18.04 -24.39
CA GLU A 116 -11.37 -16.71 -24.97
C GLU A 116 -11.95 -15.62 -24.07
N VAL A 117 -13.09 -15.88 -23.41
CA VAL A 117 -13.66 -14.91 -22.48
C VAL A 117 -12.63 -14.48 -21.44
N ASN A 118 -11.70 -15.38 -21.10
CA ASN A 118 -10.69 -15.10 -20.11
C ASN A 118 -9.53 -14.31 -20.70
N ARG A 119 -9.00 -14.75 -21.84
CA ARG A 119 -7.96 -13.98 -22.51
C ARG A 119 -8.44 -12.56 -22.81
N GLN A 120 -9.74 -12.40 -23.08
CA GLN A 120 -10.29 -11.06 -23.23
C GLN A 120 -10.29 -10.30 -21.91
N GLU A 121 -10.61 -10.99 -20.80
CA GLU A 121 -10.66 -10.30 -19.52
C GLU A 121 -9.25 -9.85 -19.09
N LEU A 122 -8.23 -10.67 -19.34
CA LEU A 122 -6.86 -10.20 -19.13
C LEU A 122 -6.54 -9.04 -20.05
N GLY A 123 -6.95 -9.13 -21.31
CA GLY A 123 -6.71 -8.04 -22.24
C GLY A 123 -7.15 -6.70 -21.70
N ARG A 124 -8.36 -6.63 -21.13
CA ARG A 124 -8.88 -5.33 -20.70
C ARG A 124 -8.17 -4.81 -19.46
N TRP A 125 -7.62 -5.68 -18.62
CA TRP A 125 -6.83 -5.17 -17.50
C TRP A 125 -5.43 -4.77 -17.95
N LEU A 126 -4.77 -5.57 -18.78
CA LEU A 126 -3.42 -5.21 -19.17
C LEU A 126 -3.37 -3.95 -20.03
N GLN A 127 -4.42 -3.69 -20.81
CA GLN A 127 -4.47 -2.50 -21.65
C GLN A 127 -5.24 -1.37 -20.99
N GLU A 128 -5.66 -1.56 -19.75
CA GLU A 128 -6.20 -0.48 -18.89
C GLU A 128 -7.55 0.03 -19.38
N GLU A 129 -8.31 -0.80 -20.10
CA GLU A 129 -9.62 -0.41 -20.60
C GLU A 129 -10.63 -0.35 -19.46
N PRO A 130 -11.88 0.08 -19.72
CA PRO A 130 -12.91 -0.04 -18.67
C PRO A 130 -13.60 -1.40 -18.73
N GLY A 131 -14.49 -1.67 -17.77
CA GLY A 131 -14.97 -3.01 -17.54
C GLY A 131 -13.93 -3.94 -16.95
N ALA A 132 -12.72 -3.44 -16.70
CA ALA A 132 -11.60 -4.25 -16.25
C ALA A 132 -11.61 -4.39 -14.74
N PHE A 133 -11.19 -5.58 -14.29
CA PHE A 133 -11.21 -5.91 -12.86
C PHE A 133 -10.14 -5.13 -12.08
N ASN A 134 -10.49 -4.71 -10.86
CA ASN A 134 -9.59 -3.89 -10.06
C ASN A 134 -8.73 -4.79 -9.19
N TRP A 135 -7.47 -4.94 -9.57
CA TRP A 135 -6.53 -5.78 -8.84
C TRP A 135 -5.66 -5.00 -7.86
N SER A 136 -5.79 -3.66 -7.82
CA SER A 136 -4.91 -2.84 -6.98
C SER A 136 -4.72 -3.42 -5.58
N MET A 137 -5.84 -3.78 -4.92
CA MET A 137 -5.80 -4.35 -3.57
C MET A 137 -4.79 -5.48 -3.44
N TYR A 138 -4.59 -6.26 -4.49
CA TYR A 138 -3.63 -7.36 -4.44
C TYR A 138 -2.22 -6.88 -4.74
N SER A 139 -2.07 -5.97 -5.70
CA SER A 139 -0.77 -5.30 -5.91
C SER A 139 -0.28 -4.66 -4.62
N GLN A 140 -1.18 -3.96 -3.91
CA GLN A 140 -0.80 -3.30 -2.67
C GLN A 140 -0.20 -4.27 -1.69
N HIS A 141 -0.91 -5.35 -1.44
CA HIS A 141 -0.45 -6.27 -0.41
C HIS A 141 0.74 -7.11 -0.88
N ALA A 142 1.04 -7.16 -2.18
CA ALA A 142 2.31 -7.82 -2.54
C ALA A 142 3.50 -6.88 -2.31
N CYS A 143 3.33 -5.58 -2.55
CA CYS A 143 4.41 -4.66 -2.25
C CYS A 143 4.71 -4.61 -0.76
N LEU A 144 3.74 -5.00 0.05
CA LEU A 144 3.88 -4.96 1.49
C LEU A 144 4.69 -6.15 2.00
N ILE A 145 4.49 -7.33 1.42
CA ILE A 145 5.12 -8.55 1.93
C ILE A 145 6.57 -8.61 1.50
N GLU A 146 6.84 -8.30 0.23
CA GLU A 146 8.22 -8.22 -0.23
C GLU A 146 8.98 -7.16 0.57
N GLY A 147 8.41 -5.97 0.71
CA GLY A 147 9.05 -4.93 1.50
C GLY A 147 10.19 -4.23 0.80
N LYS A 148 10.18 -4.19 -0.53
CA LYS A 148 11.15 -3.45 -1.33
C LYS A 148 10.89 -1.95 -1.33
N GLY A 149 9.93 -1.47 -0.54
CA GLY A 149 9.50 -0.09 -0.67
C GLY A 149 8.79 0.22 -1.96
N GLU A 150 8.16 -0.76 -2.59
CA GLU A 150 7.70 -0.56 -3.96
C GLU A 150 6.36 0.19 -4.02
N CYS A 151 6.32 1.19 -4.89
CA CYS A 151 5.04 1.75 -5.30
C CYS A 151 4.21 0.65 -5.97
N TRP A 152 2.96 0.49 -5.53
CA TRP A 152 2.12 -0.56 -6.14
C TRP A 152 1.77 -0.26 -7.58
N GLN A 153 1.81 1.01 -7.99
CA GLN A 153 1.66 1.31 -9.41
C GLN A 153 2.83 0.81 -10.22
N ASP A 154 4.05 0.91 -9.66
CA ASP A 154 5.23 0.45 -10.37
C ASP A 154 5.16 -1.05 -10.58
N LYS A 155 4.66 -1.77 -9.58
CA LYS A 155 4.47 -3.20 -9.70
C LYS A 155 3.51 -3.52 -10.83
N GLU A 156 2.36 -2.84 -10.86
CA GLU A 156 1.36 -3.11 -11.90
C GLU A 156 1.96 -2.87 -13.28
N ARG A 157 2.56 -1.71 -13.49
CA ARG A 157 3.08 -1.39 -14.81
C ARG A 157 4.32 -2.20 -15.17
N GLN A 158 5.07 -2.71 -14.19
CA GLN A 158 6.15 -3.64 -14.53
C GLN A 158 5.60 -4.94 -15.10
N LEU A 159 4.45 -5.39 -14.58
CA LEU A 159 3.80 -6.59 -15.10
C LEU A 159 3.23 -6.35 -16.49
N ARG A 160 2.44 -5.28 -16.65
CA ARG A 160 1.91 -4.96 -17.97
C ARG A 160 3.05 -4.86 -18.99
N ALA A 161 4.19 -4.32 -18.55
CA ALA A 161 5.38 -4.30 -19.38
C ALA A 161 5.78 -5.71 -19.80
N ARG A 162 6.02 -6.59 -18.82
CA ARG A 162 6.60 -7.91 -19.08
C ARG A 162 5.61 -8.94 -19.62
N VAL A 163 4.30 -8.72 -19.57
CA VAL A 163 3.42 -9.61 -20.33
C VAL A 163 3.60 -9.30 -21.81
N LYS A 164 4.05 -10.28 -22.55
CA LYS A 164 4.20 -10.05 -23.97
C LYS A 164 2.96 -10.48 -24.72
N ARG A 165 2.40 -11.63 -24.35
CA ARG A 165 1.32 -12.21 -25.12
C ARG A 165 0.37 -13.00 -24.22
N VAL A 166 -0.82 -13.24 -24.74
CA VAL A 166 -1.91 -13.96 -24.07
C VAL A 166 -2.42 -15.04 -25.04
N LEU A 167 -1.97 -16.29 -24.85
CA LEU A 167 -2.18 -17.39 -25.80
C LEU A 167 -3.08 -18.49 -25.23
N PRO A 168 -3.86 -19.16 -26.07
CA PRO A 168 -4.69 -20.26 -25.60
C PRO A 168 -3.88 -21.55 -25.46
N ILE A 169 -4.53 -22.56 -24.89
CA ILE A 169 -3.83 -23.74 -24.38
C ILE A 169 -4.85 -24.81 -24.01
N ASP A 170 -4.43 -26.07 -24.11
CA ASP A 170 -5.20 -27.24 -23.67
C ASP A 170 -4.19 -28.19 -23.06
N VAL A 171 -4.29 -28.43 -21.74
CA VAL A 171 -3.21 -29.15 -21.07
C VAL A 171 -3.27 -30.65 -21.28
N HIS A 172 -4.37 -31.19 -21.82
CA HIS A 172 -4.43 -32.61 -22.10
C HIS A 172 -3.64 -33.00 -23.35
N GLN A 173 -3.29 -32.03 -24.20
CA GLN A 173 -2.48 -32.31 -25.37
C GLN A 173 -1.09 -32.78 -24.96
N PRO A 174 -0.50 -33.74 -25.66
CA PRO A 174 0.93 -34.01 -25.46
C PRO A 174 1.79 -32.78 -25.71
N GLN A 175 1.30 -31.80 -26.47
CA GLN A 175 1.91 -30.48 -26.53
C GLN A 175 0.80 -29.45 -26.37
N PRO A 176 0.71 -28.76 -25.23
CA PRO A 176 -0.50 -28.01 -24.89
C PRO A 176 -0.65 -26.66 -25.57
N LEU A 177 0.35 -26.18 -26.30
CA LEU A 177 0.25 -24.88 -26.95
C LEU A 177 0.13 -24.98 -28.46
N GLY A 178 0.07 -26.19 -29.01
CA GLY A 178 0.18 -26.38 -30.45
C GLY A 178 1.61 -26.21 -30.93
N ALA A 179 1.85 -26.66 -32.15
CA ALA A 179 3.18 -26.53 -32.76
C ALA A 179 3.42 -25.11 -33.23
N GLY A 180 4.70 -24.71 -33.23
CA GLY A 180 5.12 -23.39 -33.68
C GLY A 180 4.36 -22.23 -33.06
N SER A 181 4.32 -22.17 -31.73
CA SER A 181 3.60 -21.11 -31.06
C SER A 181 4.53 -19.94 -30.82
N PRO A 182 3.98 -18.71 -30.65
CA PRO A 182 4.83 -17.53 -30.48
C PRO A 182 5.65 -17.54 -29.20
N ALA A 183 5.53 -18.59 -28.41
CA ALA A 183 6.13 -18.55 -27.09
C ALA A 183 7.60 -19.01 -27.15
N PRO A 184 8.43 -18.47 -26.25
CA PRO A 184 9.86 -18.81 -26.24
C PRO A 184 10.18 -20.02 -25.37
N LEU A 185 9.99 -21.32 -25.98
CA LEU A 185 10.22 -22.61 -25.38
C LEU A 185 11.67 -23.03 -25.55
N PRO A 186 12.22 -23.80 -24.59
CA PRO A 186 11.61 -24.10 -23.28
C PRO A 186 11.81 -22.95 -22.29
N ALA A 187 10.74 -22.62 -21.56
CA ALA A 187 10.75 -21.51 -20.62
C ALA A 187 11.74 -21.77 -19.48
N ASP A 188 12.11 -20.69 -18.80
CA ASP A 188 12.95 -20.82 -17.61
C ASP A 188 12.15 -21.33 -16.41
N ALA A 189 10.86 -21.02 -16.34
CA ALA A 189 10.06 -21.40 -15.17
C ALA A 189 8.57 -21.34 -15.52
N LEU A 190 7.79 -22.16 -14.80
CA LEU A 190 6.34 -22.24 -14.99
C LEU A 190 5.62 -21.84 -13.71
N VAL A 191 4.38 -21.41 -13.88
CA VAL A 191 3.46 -21.14 -12.78
C VAL A 191 2.08 -21.65 -13.17
N SER A 192 1.34 -22.21 -12.21
CA SER A 192 -0.04 -22.62 -12.48
C SER A 192 -0.83 -22.65 -11.18
N ALA A 193 -2.00 -22.00 -11.18
CA ALA A 193 -2.83 -21.87 -9.99
C ALA A 193 -4.22 -22.42 -10.26
N PHE A 194 -4.62 -23.46 -9.52
CA PHE A 194 -6.00 -23.93 -9.52
C PHE A 194 -6.41 -24.42 -10.90
N CYS A 195 -5.46 -25.03 -11.60
CA CYS A 195 -5.71 -25.46 -12.97
C CYS A 195 -5.92 -26.96 -13.06
N LEU A 196 -4.83 -27.72 -12.90
CA LEU A 196 -4.86 -29.12 -13.28
C LEU A 196 -5.96 -29.87 -12.53
N GLU A 197 -6.05 -29.68 -11.22
CA GLU A 197 -7.12 -30.33 -10.48
C GLU A 197 -8.49 -29.86 -10.95
N ALA A 198 -8.58 -28.64 -11.47
CA ALA A 198 -9.86 -28.11 -11.89
C ALA A 198 -10.21 -28.47 -13.33
N VAL A 199 -9.37 -29.24 -13.99
CA VAL A 199 -9.60 -29.57 -15.40
C VAL A 199 -9.39 -31.06 -15.67
N SER A 200 -9.23 -31.86 -14.62
CA SER A 200 -9.04 -33.28 -14.83
C SER A 200 -10.15 -34.06 -14.12
N PRO A 201 -10.70 -35.09 -14.78
CA PRO A 201 -11.76 -35.88 -14.14
C PRO A 201 -11.24 -36.85 -13.08
N ASP A 202 -9.99 -37.30 -13.22
CA ASP A 202 -9.47 -38.32 -12.30
C ASP A 202 -7.98 -38.08 -12.07
N LEU A 203 -7.43 -38.82 -11.12
CA LEU A 203 -6.04 -38.58 -10.70
C LEU A 203 -5.08 -38.72 -11.86
N ALA A 204 -5.34 -39.65 -12.78
CA ALA A 204 -4.35 -40.01 -13.79
C ALA A 204 -4.32 -39.03 -14.96
N SER A 205 -5.47 -38.47 -15.35
CA SER A 205 -5.47 -37.47 -16.41
C SER A 205 -4.92 -36.14 -15.90
N PHE A 206 -5.04 -35.92 -14.58
CA PHE A 206 -4.28 -34.89 -13.88
C PHE A 206 -2.79 -35.20 -13.92
N GLN A 207 -2.42 -36.40 -13.48
CA GLN A 207 -1.03 -36.85 -13.54
C GLN A 207 -0.48 -36.80 -14.96
N ARG A 208 -1.36 -36.97 -15.96
CA ARG A 208 -0.95 -36.85 -17.35
C ARG A 208 -0.70 -35.40 -17.70
N ALA A 209 -1.67 -34.53 -17.42
CA ALA A 209 -1.55 -33.11 -17.73
C ALA A 209 -0.34 -32.46 -17.07
N LEU A 210 0.05 -32.93 -15.88
CA LEU A 210 1.31 -32.50 -15.29
C LEU A 210 2.49 -32.89 -16.16
N ASP A 211 2.53 -34.18 -16.57
CA ASP A 211 3.53 -34.65 -17.52
C ASP A 211 3.55 -33.75 -18.75
N HIS A 212 2.37 -33.36 -19.22
CA HIS A 212 2.27 -32.60 -20.46
C HIS A 212 2.89 -31.21 -20.37
N ILE A 213 3.00 -30.64 -19.16
CA ILE A 213 3.59 -29.32 -19.04
C ILE A 213 5.04 -29.34 -18.61
N THR A 214 5.48 -30.40 -17.92
CA THR A 214 6.91 -30.52 -17.65
C THR A 214 7.72 -30.53 -18.95
N THR A 215 7.15 -31.08 -20.03
CA THR A 215 7.81 -31.03 -21.33
C THR A 215 8.12 -29.61 -21.77
N LEU A 216 7.43 -28.63 -21.17
CA LEU A 216 7.58 -27.23 -21.51
C LEU A 216 8.73 -26.54 -20.79
N LEU A 217 9.53 -27.25 -20.00
CA LEU A 217 10.46 -26.58 -19.10
C LEU A 217 11.88 -27.12 -19.22
N ARG A 218 12.82 -26.20 -19.47
CA ARG A 218 14.26 -26.35 -19.29
C ARG A 218 14.58 -27.21 -18.07
N PRO A 219 15.24 -28.36 -18.22
CA PRO A 219 15.71 -29.10 -17.03
C PRO A 219 16.50 -28.19 -16.10
N GLY A 220 16.28 -28.37 -14.80
CA GLY A 220 16.72 -27.42 -13.81
C GLY A 220 15.81 -26.22 -13.63
N GLY A 221 14.86 -26.02 -14.55
CA GLY A 221 13.84 -25.03 -14.36
C GLY A 221 12.88 -25.41 -13.24
N HIS A 222 12.21 -24.39 -12.70
CA HIS A 222 11.41 -24.52 -11.49
C HIS A 222 9.93 -24.37 -11.80
N LEU A 223 9.11 -25.13 -11.07
CA LEU A 223 7.66 -25.10 -11.19
C LEU A 223 7.07 -24.64 -9.86
N LEU A 224 6.10 -23.73 -9.94
CA LEU A 224 5.37 -23.23 -8.77
C LEU A 224 3.89 -23.48 -9.03
N LEU A 225 3.31 -24.41 -8.27
CA LEU A 225 1.95 -24.91 -8.52
C LEU A 225 1.09 -24.73 -7.30
N ILE A 226 -0.11 -24.16 -7.52
CA ILE A 226 -1.11 -23.94 -6.47
C ILE A 226 -2.41 -24.58 -6.91
N GLY A 227 -3.06 -25.30 -6.00
CA GLY A 227 -4.35 -25.84 -6.35
C GLY A 227 -5.15 -26.15 -5.11
N ALA A 228 -6.35 -26.67 -5.35
CA ALA A 228 -7.29 -26.98 -4.29
C ALA A 228 -7.02 -28.37 -3.73
N LEU A 229 -7.45 -28.57 -2.48
CA LEU A 229 -7.24 -29.82 -1.76
C LEU A 229 -8.58 -30.45 -1.50
N GLU A 230 -8.77 -31.68 -1.96
CA GLU A 230 -10.03 -32.39 -1.73
C GLU A 230 -11.24 -31.54 -2.10
N GLU A 231 -11.09 -30.76 -3.17
CA GLU A 231 -12.19 -30.08 -3.81
C GLU A 231 -12.78 -30.99 -4.89
N SER A 232 -14.09 -30.87 -5.07
CA SER A 232 -14.76 -31.65 -6.11
C SER A 232 -15.56 -30.80 -7.09
N TRP A 233 -16.13 -29.68 -6.66
CA TRP A 233 -16.85 -28.82 -7.60
C TRP A 233 -16.66 -27.36 -7.18
N TYR A 234 -16.89 -26.45 -8.13
CA TYR A 234 -17.04 -25.02 -7.84
C TYR A 234 -17.89 -24.37 -8.91
N LEU A 235 -18.34 -23.16 -8.62
CA LEU A 235 -19.30 -22.49 -9.46
C LEU A 235 -18.65 -21.29 -10.11
N ALA A 236 -19.02 -21.04 -11.37
CA ALA A 236 -18.55 -19.87 -12.08
C ALA A 236 -19.73 -19.27 -12.84
N GLY A 237 -20.76 -18.90 -12.09
CA GLY A 237 -21.98 -18.33 -12.68
C GLY A 237 -23.00 -19.42 -13.01
N GLU A 238 -23.33 -19.55 -14.29
CA GLU A 238 -24.21 -20.63 -14.71
C GLU A 238 -23.46 -21.95 -14.76
N ALA A 239 -22.16 -21.90 -15.01
CA ALA A 239 -21.35 -23.11 -15.08
C ALA A 239 -21.17 -23.75 -13.72
N ARG A 240 -21.20 -25.07 -13.70
CA ARG A 240 -21.01 -25.84 -12.49
C ARG A 240 -19.97 -26.90 -12.80
N LEU A 241 -18.77 -26.73 -12.27
CA LEU A 241 -17.58 -27.41 -12.77
C LEU A 241 -17.15 -28.53 -11.82
N THR A 242 -16.36 -29.47 -12.36
CA THR A 242 -15.99 -30.70 -11.68
C THR A 242 -14.48 -30.78 -11.51
N VAL A 243 -14.04 -31.05 -10.28
CA VAL A 243 -12.64 -31.09 -9.85
C VAL A 243 -12.40 -32.49 -9.29
N VAL A 244 -11.18 -33.00 -9.47
CA VAL A 244 -10.79 -34.27 -8.82
C VAL A 244 -10.22 -33.98 -7.43
N PRO A 245 -10.70 -34.66 -6.39
CA PRO A 245 -10.21 -34.39 -5.03
C PRO A 245 -8.84 -35.00 -4.79
N VAL A 246 -7.87 -34.14 -4.51
CA VAL A 246 -6.47 -34.53 -4.36
C VAL A 246 -5.98 -34.15 -2.96
N SER A 247 -4.89 -34.77 -2.56
CA SER A 247 -4.36 -34.64 -1.21
C SER A 247 -2.88 -34.25 -1.28
N GLU A 248 -2.35 -33.81 -0.13
CA GLU A 248 -0.96 -33.32 -0.11
C GLU A 248 0.01 -34.41 -0.54
N GLU A 249 -0.12 -35.62 0.00
CA GLU A 249 0.83 -36.66 -0.37
C GLU A 249 0.59 -37.14 -1.81
N GLU A 250 -0.67 -37.28 -2.25
CA GLU A 250 -0.93 -37.54 -3.67
C GLU A 250 -0.28 -36.48 -4.56
N VAL A 251 -0.43 -35.21 -4.21
CA VAL A 251 0.18 -34.13 -4.98
C VAL A 251 1.70 -34.28 -5.02
N ARG A 252 2.31 -34.82 -3.97
CA ARG A 252 3.76 -34.99 -3.99
C ARG A 252 4.18 -36.12 -4.92
N GLU A 253 3.49 -37.27 -4.84
CA GLU A 253 3.82 -38.45 -5.65
C GLU A 253 3.76 -38.15 -7.14
N ALA A 254 2.77 -37.35 -7.56
CA ALA A 254 2.64 -36.95 -8.95
C ALA A 254 3.80 -36.07 -9.45
N LEU A 255 4.50 -35.37 -8.56
CA LEU A 255 5.59 -34.50 -9.02
C LEU A 255 6.86 -35.31 -9.30
N VAL A 256 7.17 -36.30 -8.46
CA VAL A 256 8.29 -37.18 -8.76
C VAL A 256 7.98 -38.04 -9.98
N ARG A 257 6.73 -38.51 -10.12
CA ARG A 257 6.30 -39.29 -11.28
C ARG A 257 6.46 -38.53 -12.59
N SER A 258 6.50 -37.20 -12.54
CA SER A 258 6.74 -36.36 -13.71
C SER A 258 8.18 -35.91 -13.83
N GLY A 259 9.04 -36.31 -12.91
CA GLY A 259 10.46 -36.02 -13.00
C GLY A 259 10.88 -34.75 -12.30
N TYR A 260 10.30 -34.49 -11.13
CA TYR A 260 10.56 -33.29 -10.34
C TYR A 260 11.18 -33.65 -8.99
N LYS A 261 11.83 -32.66 -8.39
CA LYS A 261 12.32 -32.78 -7.02
C LYS A 261 11.74 -31.63 -6.21
N VAL A 262 10.93 -31.95 -5.20
CA VAL A 262 10.15 -30.92 -4.49
C VAL A 262 11.01 -30.24 -3.42
N ARG A 263 11.21 -28.93 -3.58
CA ARG A 263 11.98 -28.18 -2.59
C ARG A 263 11.10 -27.53 -1.53
N ASP A 264 9.78 -27.50 -1.72
CA ASP A 264 8.84 -27.10 -0.68
C ASP A 264 7.41 -27.46 -1.09
N LEU A 265 6.59 -27.85 -0.11
CA LEU A 265 5.18 -28.16 -0.34
C LEU A 265 4.38 -27.92 0.95
N ARG A 266 3.48 -26.92 0.96
CA ARG A 266 2.81 -26.47 2.18
C ARG A 266 1.29 -26.41 1.99
N THR A 267 0.56 -26.31 3.11
CA THR A 267 -0.89 -26.47 3.09
C THR A 267 -1.58 -25.37 3.88
N TYR A 268 -2.58 -24.73 3.28
CA TYR A 268 -3.50 -23.86 3.98
C TYR A 268 -4.78 -24.66 4.23
N ILE A 269 -5.35 -24.49 5.42
CA ILE A 269 -6.57 -25.20 5.82
C ILE A 269 -7.72 -24.20 5.78
N MET A 270 -8.63 -24.38 4.83
CA MET A 270 -9.67 -23.38 4.59
C MET A 270 -10.47 -23.15 5.86
N PRO A 271 -10.48 -21.96 6.40
CA PRO A 271 -11.25 -21.74 7.64
C PRO A 271 -12.74 -21.63 7.34
N ALA A 272 -13.52 -21.83 8.40
CA ALA A 272 -14.98 -21.85 8.24
C ALA A 272 -15.49 -20.57 7.55
N HIS A 273 -15.01 -19.40 7.98
CA HIS A 273 -15.57 -18.15 7.47
C HIS A 273 -15.30 -17.91 5.98
N LEU A 274 -14.50 -18.76 5.30
CA LEU A 274 -14.36 -18.68 3.84
C LEU A 274 -15.01 -19.84 3.10
N GLN A 275 -15.58 -20.80 3.83
CA GLN A 275 -16.41 -21.86 3.26
C GLN A 275 -17.77 -21.25 2.99
N THR A 276 -17.91 -20.68 1.81
CA THR A 276 -19.19 -20.18 1.34
C THR A 276 -19.78 -21.18 0.36
N GLY A 277 -20.78 -20.73 -0.39
CA GLY A 277 -21.50 -21.64 -1.25
C GLY A 277 -20.94 -21.80 -2.65
N VAL A 278 -19.70 -21.38 -2.88
CA VAL A 278 -19.14 -21.38 -4.24
C VAL A 278 -18.34 -22.66 -4.55
N ASP A 279 -18.05 -23.49 -3.57
CA ASP A 279 -17.27 -24.71 -3.80
C ASP A 279 -17.25 -25.52 -2.51
N ASP A 280 -16.49 -26.62 -2.54
CA ASP A 280 -16.33 -27.51 -1.39
C ASP A 280 -14.86 -27.74 -1.05
N VAL A 281 -13.98 -26.91 -1.61
CA VAL A 281 -12.57 -26.90 -1.24
C VAL A 281 -12.40 -26.90 0.26
N LYS A 282 -11.53 -27.78 0.76
CA LYS A 282 -11.23 -27.94 2.18
C LYS A 282 -9.87 -27.38 2.59
N GLY A 283 -9.01 -27.08 1.62
CA GLY A 283 -7.71 -26.49 1.89
C GLY A 283 -7.08 -26.09 0.57
N VAL A 284 -5.85 -25.61 0.64
CA VAL A 284 -5.13 -25.11 -0.52
C VAL A 284 -3.67 -25.50 -0.37
N PHE A 285 -3.06 -26.05 -1.43
CA PHE A 285 -1.66 -26.45 -1.41
C PHE A 285 -0.82 -25.56 -2.32
N PHE A 286 0.46 -25.42 -1.95
CA PHE A 286 1.49 -24.73 -2.72
C PHE A 286 2.73 -25.61 -2.83
N ALA A 287 3.36 -25.62 -4.02
CA ALA A 287 4.50 -26.48 -4.31
C ALA A 287 5.61 -25.77 -5.10
N TRP A 288 6.85 -25.91 -4.64
CA TRP A 288 8.06 -25.45 -5.35
C TRP A 288 8.90 -26.67 -5.73
N ALA A 289 8.90 -27.02 -7.02
CA ALA A 289 9.60 -28.21 -7.51
C ALA A 289 10.52 -27.86 -8.68
N GLN A 290 11.63 -28.59 -8.76
CA GLN A 290 12.67 -28.38 -9.76
C GLN A 290 12.79 -29.61 -10.67
N LYS A 291 12.75 -29.38 -11.99
CA LYS A 291 12.92 -30.48 -12.95
C LYS A 291 14.34 -31.01 -12.87
N VAL A 292 14.47 -32.33 -12.78
CA VAL A 292 15.76 -32.97 -12.69
C VAL A 292 16.11 -33.65 -14.02
N ASP B 27 5.24 45.26 20.16
CA ASP B 27 5.15 45.23 18.71
C ASP B 27 4.67 43.86 18.28
N SER B 28 4.89 43.53 17.00
CA SER B 28 4.72 42.21 16.39
C SER B 28 3.27 41.77 16.15
N ALA B 29 2.31 42.34 16.87
CA ALA B 29 0.92 41.99 16.57
C ALA B 29 0.46 42.38 15.17
N PRO B 30 0.94 43.47 14.55
CA PRO B 30 0.57 43.73 13.14
C PRO B 30 0.87 42.60 12.17
N GLY B 31 2.10 42.07 12.19
CA GLY B 31 2.42 40.99 11.27
C GLY B 31 1.51 39.80 11.45
N GLN B 32 1.22 39.44 12.71
CA GLN B 32 0.28 38.36 12.98
C GLN B 32 -1.09 38.64 12.37
N ALA B 33 -1.58 39.86 12.52
CA ALA B 33 -2.89 40.17 11.96
C ALA B 33 -2.85 40.07 10.45
N ALA B 34 -1.66 40.20 9.85
CA ALA B 34 -1.57 40.10 8.40
C ALA B 34 -1.82 38.67 7.93
N VAL B 35 -1.38 37.68 8.70
CA VAL B 35 -1.60 36.30 8.28
C VAL B 35 -3.05 35.90 8.50
N ALA B 36 -3.64 36.30 9.63
CA ALA B 36 -5.05 36.01 9.88
C ALA B 36 -5.94 36.56 8.78
N SER B 37 -5.58 37.70 8.21
CA SER B 37 -6.27 38.22 7.03
C SER B 37 -5.98 37.34 5.80
N ALA B 38 -4.70 37.01 5.60
CA ALA B 38 -4.32 36.26 4.40
C ALA B 38 -5.02 34.91 4.36
N TYR B 39 -5.28 34.34 5.52
CA TYR B 39 -5.86 33.01 5.62
C TYR B 39 -7.38 33.05 5.59
N GLN B 40 -7.99 34.22 5.64
CA GLN B 40 -9.44 34.26 5.44
C GLN B 40 -9.80 34.00 3.98
N ARG B 41 -8.83 34.13 3.07
CA ARG B 41 -9.01 33.78 1.67
C ARG B 41 -8.62 32.31 1.40
N PHE B 42 -8.54 31.49 2.45
CA PHE B 42 -7.92 30.17 2.31
C PHE B 42 -8.80 29.19 1.57
N GLU B 43 -8.13 28.30 0.84
CA GLU B 43 -8.56 27.44 -0.26
C GLU B 43 -8.64 25.97 0.14
N PRO B 44 -9.56 25.55 1.06
CA PRO B 44 -9.46 24.21 1.66
C PRO B 44 -9.21 23.11 0.65
N ARG B 45 -10.17 22.87 -0.24
CA ARG B 45 -10.02 21.80 -1.21
C ARG B 45 -9.04 22.17 -2.33
N ALA B 46 -8.92 23.47 -2.63
CA ALA B 46 -7.90 23.87 -3.60
C ALA B 46 -6.49 23.62 -3.06
N TYR B 47 -6.30 23.77 -1.76
CA TYR B 47 -4.98 23.55 -1.16
C TYR B 47 -4.55 22.11 -1.29
N LEU B 48 -5.48 21.17 -1.11
CA LEU B 48 -5.18 19.75 -1.22
C LEU B 48 -4.92 19.34 -2.66
N ARG B 49 -5.77 19.80 -3.59
CA ARG B 49 -5.61 19.46 -5.00
C ARG B 49 -4.24 19.88 -5.53
N ASN B 50 -3.68 20.98 -5.01
CA ASN B 50 -2.44 21.54 -5.53
C ASN B 50 -1.20 21.12 -4.75
N ASN B 51 -1.36 20.50 -3.59
CA ASN B 51 -0.22 20.06 -2.81
C ASN B 51 -0.18 18.58 -2.52
N TYR B 52 -1.32 17.90 -2.47
CA TYR B 52 -1.31 16.50 -2.06
C TYR B 52 -1.91 15.52 -3.06
N ALA B 53 -2.67 15.99 -4.04
CA ALA B 53 -3.06 15.13 -5.14
C ALA B 53 -1.92 15.06 -6.16
N PRO B 54 -1.87 14.01 -6.97
CA PRO B 54 -0.77 13.88 -7.92
C PRO B 54 -0.85 14.98 -8.97
N PRO B 55 0.31 15.37 -9.55
CA PRO B 55 1.64 14.79 -9.36
C PRO B 55 2.53 15.50 -8.32
N ARG B 56 2.04 16.58 -7.69
CA ARG B 56 2.82 17.17 -6.61
C ARG B 56 2.96 16.18 -5.44
N GLY B 57 1.97 15.30 -5.27
CA GLY B 57 2.09 14.20 -4.32
C GLY B 57 2.20 12.84 -4.99
N ASP B 58 3.38 12.49 -5.48
CA ASP B 58 3.64 11.23 -6.16
C ASP B 58 4.52 10.39 -5.24
N LEU B 59 3.93 9.40 -4.56
CA LEU B 59 4.70 8.59 -3.63
C LEU B 59 5.46 7.49 -4.34
N CYS B 60 5.31 7.37 -5.65
CA CYS B 60 6.09 6.42 -6.41
C CYS B 60 7.57 6.79 -6.39
N ASN B 61 7.86 8.08 -6.43
CA ASN B 61 9.21 8.64 -6.44
C ASN B 61 9.85 8.53 -5.06
N PRO B 62 10.85 7.68 -4.86
CA PRO B 62 11.40 7.47 -3.52
C PRO B 62 12.37 8.55 -3.09
N ASN B 63 12.85 9.38 -4.01
CA ASN B 63 13.66 10.53 -3.67
C ASN B 63 12.82 11.77 -3.35
N GLY B 64 11.50 11.67 -3.45
CA GLY B 64 10.62 12.81 -3.35
C GLY B 64 10.28 13.16 -1.92
N VAL B 65 9.33 14.10 -1.79
CA VAL B 65 9.13 14.80 -0.54
C VAL B 65 8.00 14.21 0.29
N GLY B 66 6.97 13.66 -0.36
CA GLY B 66 5.97 12.90 0.35
C GLY B 66 6.57 11.70 1.06
N PRO B 67 7.33 10.89 0.31
CA PRO B 67 8.00 9.74 0.96
C PRO B 67 8.88 10.14 2.11
N TRP B 68 9.67 11.22 1.96
CA TRP B 68 10.61 11.65 2.98
C TRP B 68 9.89 11.99 4.30
N LYS B 69 8.91 12.90 4.25
CA LYS B 69 8.18 13.24 5.47
C LYS B 69 7.64 11.98 6.15
N LEU B 70 7.02 11.09 5.37
CA LEU B 70 6.45 9.90 5.97
C LEU B 70 7.53 9.01 6.55
N ARG B 71 8.68 8.93 5.85
CA ARG B 71 9.82 8.18 6.35
CA ARG B 71 9.83 8.18 6.36
C ARG B 71 10.28 8.71 7.70
C ARG B 71 10.29 8.72 7.71
N CYS B 72 10.41 10.03 7.84
CA CYS B 72 10.86 10.58 9.12
C CYS B 72 9.92 10.23 10.24
N LEU B 73 8.62 10.22 9.94
N LEU B 73 8.61 10.20 9.94
CA LEU B 73 7.62 9.92 10.97
CA LEU B 73 7.63 9.91 10.97
C LEU B 73 7.63 8.43 11.33
N ALA B 74 7.70 7.57 10.33
CA ALA B 74 7.71 6.13 10.60
C ALA B 74 8.95 5.73 11.39
N GLN B 75 10.13 6.17 10.94
CA GLN B 75 11.37 5.83 11.65
C GLN B 75 11.40 6.38 13.06
N THR B 76 10.76 7.51 13.33
CA THR B 76 10.85 8.04 14.69
C THR B 76 10.01 7.20 15.64
N PHE B 77 8.76 6.89 15.27
CA PHE B 77 7.92 6.04 16.11
C PHE B 77 8.44 4.61 16.18
N ALA B 78 9.20 4.18 15.17
CA ALA B 78 9.80 2.84 15.20
C ALA B 78 10.70 2.64 16.42
N THR B 79 11.33 3.70 16.94
CA THR B 79 12.11 3.55 18.18
C THR B 79 11.25 3.17 19.38
N GLY B 80 9.94 3.36 19.30
CA GLY B 80 9.05 3.15 20.42
C GLY B 80 9.20 4.14 21.54
N GLU B 81 10.24 4.97 21.50
CA GLU B 81 10.52 5.96 22.53
C GLU B 81 9.55 7.15 22.51
N VAL B 82 8.64 7.20 21.55
CA VAL B 82 7.62 8.23 21.49
C VAL B 82 6.28 7.52 21.55
N SER B 83 5.81 7.29 22.77
CA SER B 83 4.52 6.65 22.97
C SER B 83 3.85 7.31 24.17
N GLY B 84 2.57 7.02 24.29
CA GLY B 84 1.84 7.45 25.46
C GLY B 84 0.34 7.37 25.29
N ARG B 85 -0.32 8.32 25.94
CA ARG B 85 -1.76 8.38 25.99
C ARG B 85 -2.31 9.45 25.05
N THR B 86 -1.95 10.72 25.27
CA THR B 86 -2.54 11.87 24.58
C THR B 86 -1.60 12.44 23.52
N LEU B 87 -2.15 12.74 22.36
CA LEU B 87 -1.42 13.45 21.32
C LEU B 87 -2.26 14.60 20.78
N ILE B 88 -1.55 15.66 20.39
CA ILE B 88 -2.12 16.90 19.87
C ILE B 88 -1.44 17.26 18.56
N ASP B 89 -2.23 17.38 17.51
CA ASP B 89 -1.72 17.88 16.23
C ASP B 89 -1.91 19.40 16.17
N ILE B 90 -0.82 20.12 15.88
CA ILE B 90 -0.75 21.57 16.03
C ILE B 90 -0.87 22.19 14.65
N GLY B 91 -2.03 22.77 14.35
CA GLY B 91 -2.24 23.30 13.02
C GLY B 91 -2.26 22.19 11.97
N SER B 92 -3.25 21.30 12.08
CA SER B 92 -3.32 20.16 11.19
C SER B 92 -3.66 20.58 9.78
N GLY B 93 -4.33 21.70 9.61
CA GLY B 93 -4.79 22.06 8.30
C GLY B 93 -5.90 21.11 7.96
N PRO B 94 -6.05 20.76 6.71
CA PRO B 94 -7.03 19.75 6.36
C PRO B 94 -6.37 18.43 5.95
N THR B 95 -5.34 18.02 6.69
CA THR B 95 -4.51 16.86 6.32
C THR B 95 -4.31 15.97 7.52
N VAL B 96 -3.79 14.76 7.26
CA VAL B 96 -3.74 13.65 8.21
C VAL B 96 -2.45 12.83 8.08
N TYR B 97 -1.80 12.86 6.91
CA TYR B 97 -0.58 12.07 6.66
C TYR B 97 0.37 12.12 7.85
N GLN B 98 0.42 13.28 8.51
CA GLN B 98 1.30 13.49 9.63
C GLN B 98 0.90 12.67 10.86
N LEU B 99 -0.30 12.12 10.90
CA LEU B 99 -0.63 11.24 12.01
C LEU B 99 -0.59 9.76 11.66
N LEU B 100 -0.46 9.41 10.37
CA LEU B 100 -0.61 8.03 9.92
C LEU B 100 0.27 7.05 10.70
N SER B 101 1.58 7.29 10.71
CA SER B 101 2.49 6.40 11.43
C SER B 101 2.35 6.58 12.92
N ALA B 102 1.57 7.55 13.37
CA ALA B 102 1.56 7.97 14.76
C ALA B 102 0.38 7.42 15.54
N CYS B 103 -0.64 6.87 14.88
CA CYS B 103 -1.84 6.57 15.63
C CYS B 103 -1.74 5.26 16.37
N SER B 104 -0.95 4.31 15.86
CA SER B 104 -0.75 3.05 16.59
C SER B 104 -0.11 3.25 17.97
N HIS B 105 0.29 4.50 18.31
CA HIS B 105 1.10 4.76 19.50
C HIS B 105 0.43 5.67 20.52
N PHE B 106 -0.74 6.21 20.21
CA PHE B 106 -1.51 7.04 21.14
C PHE B 106 -2.97 6.71 20.95
N GLU B 107 -3.72 6.65 22.04
CA GLU B 107 -5.13 6.29 21.96
C GLU B 107 -6.05 7.50 22.12
N ASP B 108 -5.51 8.72 22.24
CA ASP B 108 -6.28 9.98 22.29
C ASP B 108 -5.55 11.00 21.43
N ILE B 109 -6.02 11.23 20.20
CA ILE B 109 -5.46 12.23 19.31
C ILE B 109 -6.31 13.47 19.35
N THR B 110 -5.67 14.64 19.47
CA THR B 110 -6.33 15.94 19.33
C THR B 110 -5.87 16.60 18.04
N MET B 111 -6.83 16.97 17.21
CA MET B 111 -6.53 17.68 15.96
C MET B 111 -6.98 19.13 16.10
N THR B 112 -6.26 20.03 15.42
CA THR B 112 -6.49 21.47 15.59
C THR B 112 -6.23 22.21 14.29
N ASP B 113 -7.04 23.25 14.04
CA ASP B 113 -6.70 24.30 13.08
C ASP B 113 -7.37 25.62 13.46
N PHE B 114 -6.91 26.70 12.80
CA PHE B 114 -7.37 28.06 13.06
C PHE B 114 -8.66 28.39 12.29
N LEU B 115 -8.89 27.73 11.17
CA LEU B 115 -10.03 28.02 10.31
C LEU B 115 -11.11 26.94 10.45
N GLU B 116 -12.33 27.37 10.76
CA GLU B 116 -13.48 26.46 10.76
C GLU B 116 -13.60 25.69 9.46
N VAL B 117 -13.37 26.36 8.31
CA VAL B 117 -13.55 25.66 7.04
C VAL B 117 -12.51 24.58 6.81
N ASN B 118 -11.49 24.51 7.66
CA ASN B 118 -10.53 23.42 7.62
C ASN B 118 -10.89 22.33 8.61
N ARG B 119 -11.33 22.72 9.81
CA ARG B 119 -11.95 21.75 10.70
C ARG B 119 -13.12 21.04 10.02
N GLN B 120 -13.85 21.77 9.15
CA GLN B 120 -14.97 21.15 8.45
C GLN B 120 -14.50 20.22 7.32
N GLU B 121 -13.34 20.47 6.71
CA GLU B 121 -12.93 19.52 5.68
C GLU B 121 -12.41 18.24 6.31
N LEU B 122 -11.71 18.33 7.45
CA LEU B 122 -11.35 17.12 8.17
C LEU B 122 -12.62 16.32 8.53
N GLY B 123 -13.64 17.01 9.04
CA GLY B 123 -14.88 16.34 9.36
C GLY B 123 -15.48 15.61 8.17
N ARG B 124 -15.42 16.22 6.98
CA ARG B 124 -15.84 15.53 5.76
C ARG B 124 -15.11 14.20 5.60
N TRP B 125 -13.95 14.05 6.22
CA TRP B 125 -13.17 12.83 6.11
C TRP B 125 -13.34 11.89 7.30
N LEU B 126 -13.62 12.40 8.49
CA LEU B 126 -13.88 11.49 9.60
C LEU B 126 -15.20 10.73 9.41
N GLN B 127 -16.19 11.36 8.77
CA GLN B 127 -17.48 10.74 8.51
C GLN B 127 -17.46 9.77 7.34
N GLU B 128 -16.42 9.86 6.49
CA GLU B 128 -16.24 9.00 5.33
C GLU B 128 -17.24 9.36 4.23
N GLU B 129 -17.29 10.63 3.86
CA GLU B 129 -18.18 10.98 2.77
C GLU B 129 -17.45 10.85 1.43
N PRO B 130 -18.22 10.68 0.35
CA PRO B 130 -17.67 11.00 -0.97
C PRO B 130 -17.48 12.51 -1.08
N GLY B 131 -16.59 12.90 -1.99
CA GLY B 131 -16.20 14.29 -2.03
C GLY B 131 -15.35 14.72 -0.86
N ALA B 132 -14.89 13.77 -0.05
CA ALA B 132 -13.81 14.01 0.89
C ALA B 132 -12.51 13.51 0.28
N PHE B 133 -11.40 14.13 0.70
CA PHE B 133 -10.13 13.91 0.05
C PHE B 133 -9.67 12.46 0.23
N ASN B 134 -9.24 11.85 -0.87
CA ASN B 134 -8.76 10.47 -0.84
C ASN B 134 -7.31 10.49 -0.32
N TRP B 135 -7.15 10.22 0.97
CA TRP B 135 -5.81 10.07 1.53
C TRP B 135 -5.24 8.68 1.37
N SER B 136 -6.01 7.73 0.82
CA SER B 136 -5.65 6.32 0.87
C SER B 136 -4.25 6.02 0.33
N MET B 137 -3.71 6.85 -0.57
CA MET B 137 -2.41 6.53 -1.17
C MET B 137 -1.28 6.88 -0.23
N TYR B 138 -1.51 7.84 0.66
CA TYR B 138 -0.61 8.07 1.78
C TYR B 138 -0.72 6.95 2.82
N SER B 139 -1.95 6.55 3.13
CA SER B 139 -2.13 5.53 4.16
C SER B 139 -1.39 4.25 3.79
N GLN B 140 -1.39 3.90 2.50
CA GLN B 140 -0.71 2.69 2.09
C GLN B 140 0.79 2.86 2.24
N HIS B 141 1.34 3.93 1.68
CA HIS B 141 2.79 4.16 1.80
C HIS B 141 3.27 4.05 3.24
N ALA B 142 2.53 4.62 4.20
CA ALA B 142 2.93 4.52 5.61
C ALA B 142 2.98 3.07 6.07
N CYS B 143 1.93 2.27 5.76
CA CYS B 143 1.93 0.85 6.05
C CYS B 143 3.13 0.14 5.44
N LEU B 144 3.45 0.48 4.19
CA LEU B 144 4.63 -0.09 3.54
C LEU B 144 5.91 0.25 4.29
N ILE B 145 6.05 1.48 4.77
CA ILE B 145 7.30 1.90 5.40
C ILE B 145 7.45 1.22 6.76
N GLU B 146 6.34 1.12 7.52
CA GLU B 146 6.35 0.51 8.84
C GLU B 146 6.62 -1.00 8.79
N GLY B 147 6.31 -1.65 7.66
CA GLY B 147 6.60 -3.07 7.49
C GLY B 147 6.00 -3.97 8.54
N LYS B 148 4.73 -3.79 8.87
CA LYS B 148 4.04 -4.61 9.85
C LYS B 148 2.92 -5.43 9.22
N GLY B 149 2.86 -5.50 7.90
CA GLY B 149 1.78 -6.15 7.23
C GLY B 149 0.46 -5.41 7.19
N GLU B 150 0.37 -4.21 7.77
CA GLU B 150 -0.92 -3.55 7.89
C GLU B 150 -1.46 -3.12 6.53
N CYS B 151 -2.75 -3.32 6.31
CA CYS B 151 -3.44 -2.84 5.11
C CYS B 151 -3.98 -1.44 5.41
N TRP B 152 -3.99 -0.60 4.38
CA TRP B 152 -4.25 0.81 4.62
C TRP B 152 -5.64 1.08 5.17
N GLN B 153 -6.56 0.13 5.03
CA GLN B 153 -7.91 0.35 5.56
C GLN B 153 -7.95 0.21 7.08
N ASP B 154 -7.08 -0.61 7.67
CA ASP B 154 -7.09 -0.68 9.12
C ASP B 154 -6.36 0.49 9.74
N LYS B 155 -5.31 0.97 9.08
CA LYS B 155 -4.69 2.23 9.48
C LYS B 155 -5.72 3.36 9.51
N GLU B 156 -6.47 3.51 8.41
CA GLU B 156 -7.49 4.56 8.32
C GLU B 156 -8.61 4.36 9.31
N ARG B 157 -8.83 3.14 9.80
CA ARG B 157 -9.86 2.93 10.81
C ARG B 157 -9.33 3.28 12.18
N GLN B 158 -8.05 2.94 12.42
CA GLN B 158 -7.41 3.27 13.68
C GLN B 158 -7.40 4.77 13.91
N LEU B 159 -6.92 5.53 12.93
CA LEU B 159 -6.93 6.97 13.05
C LEU B 159 -8.33 7.51 13.35
N ARG B 160 -9.36 7.02 12.65
CA ARG B 160 -10.69 7.57 12.91
C ARG B 160 -11.19 7.22 14.31
N ALA B 161 -10.58 6.23 14.98
CA ALA B 161 -11.00 5.90 16.34
C ALA B 161 -10.34 6.84 17.33
N ARG B 162 -9.03 6.99 17.21
CA ARG B 162 -8.20 7.74 18.14
C ARG B 162 -8.34 9.26 17.99
N VAL B 163 -8.88 9.77 16.88
CA VAL B 163 -9.01 11.23 16.76
C VAL B 163 -10.26 11.65 17.56
N LYS B 164 -10.03 12.09 18.79
CA LYS B 164 -11.12 12.29 19.74
C LYS B 164 -11.80 13.65 19.60
N ARG B 165 -11.09 14.68 19.16
CA ARG B 165 -11.66 16.02 19.08
C ARG B 165 -10.91 16.81 18.03
N VAL B 166 -11.60 17.83 17.52
CA VAL B 166 -11.06 18.73 16.52
C VAL B 166 -11.38 20.15 16.98
N LEU B 167 -10.37 20.86 17.50
CA LEU B 167 -10.49 22.12 18.25
C LEU B 167 -9.84 23.30 17.55
N PRO B 168 -10.38 24.51 17.72
CA PRO B 168 -9.71 25.68 17.15
C PRO B 168 -8.43 25.98 17.90
N ILE B 169 -7.47 26.51 17.17
CA ILE B 169 -6.11 26.75 17.65
C ILE B 169 -5.64 28.14 17.21
N ASP B 170 -4.88 28.81 18.07
CA ASP B 170 -4.13 30.03 17.72
C ASP B 170 -2.77 29.97 18.40
N VAL B 171 -1.71 29.77 17.60
CA VAL B 171 -0.38 29.59 18.17
C VAL B 171 0.18 30.85 18.84
N HIS B 172 -0.35 32.02 18.53
CA HIS B 172 0.21 33.26 19.05
C HIS B 172 -0.42 33.69 20.37
N GLN B 173 -1.40 32.96 20.88
CA GLN B 173 -1.90 33.26 22.22
C GLN B 173 -1.00 32.64 23.28
N PRO B 174 -1.03 33.17 24.49
CA PRO B 174 -0.25 32.54 25.57
C PRO B 174 -0.81 31.18 25.92
N GLN B 175 -2.12 31.00 25.79
CA GLN B 175 -2.74 29.68 25.93
C GLN B 175 -3.42 29.35 24.61
N PRO B 176 -2.80 28.48 23.79
CA PRO B 176 -3.18 28.41 22.36
C PRO B 176 -4.57 27.88 22.07
N LEU B 177 -5.12 26.99 22.91
CA LEU B 177 -6.49 26.55 22.67
C LEU B 177 -7.53 27.42 23.36
N GLY B 178 -7.10 28.25 24.30
CA GLY B 178 -8.00 29.01 25.13
C GLY B 178 -8.02 28.46 26.55
N ALA B 179 -8.87 29.07 27.36
CA ALA B 179 -8.98 28.69 28.75
C ALA B 179 -9.90 27.48 28.91
N GLY B 180 -9.59 26.67 29.92
CA GLY B 180 -10.33 25.45 30.20
C GLY B 180 -10.68 24.66 28.96
N SER B 181 -9.69 24.43 28.09
CA SER B 181 -9.95 23.80 26.81
C SER B 181 -10.37 22.34 27.01
N PRO B 182 -11.16 21.79 26.07
CA PRO B 182 -11.51 20.37 26.14
C PRO B 182 -10.31 19.44 26.21
N ALA B 183 -9.21 19.80 25.58
CA ALA B 183 -8.13 18.86 25.34
C ALA B 183 -7.58 18.33 26.66
N PRO B 184 -7.36 17.03 26.77
CA PRO B 184 -6.73 16.49 27.99
C PRO B 184 -5.31 17.04 28.08
N LEU B 185 -5.05 17.83 29.11
CA LEU B 185 -3.75 18.44 29.23
C LEU B 185 -3.12 18.07 30.56
N PRO B 186 -1.78 18.02 30.64
CA PRO B 186 -0.82 18.17 29.52
C PRO B 186 -0.89 17.02 28.53
N ALA B 187 -0.28 17.17 27.36
CA ALA B 187 -0.24 16.11 26.35
C ALA B 187 1.08 15.34 26.43
N ASP B 188 1.06 14.12 25.91
CA ASP B 188 2.25 13.30 26.00
C ASP B 188 3.22 13.58 24.86
N ALA B 189 2.71 13.82 23.65
CA ALA B 189 3.58 14.31 22.60
C ALA B 189 2.84 15.31 21.72
N LEU B 190 3.60 15.92 20.81
CA LEU B 190 3.09 16.93 19.90
C LEU B 190 3.60 16.65 18.49
N VAL B 191 2.72 16.92 17.53
CA VAL B 191 3.02 16.84 16.11
C VAL B 191 2.64 18.18 15.53
N SER B 192 3.40 18.61 14.52
CA SER B 192 3.03 19.82 13.81
C SER B 192 3.76 19.83 12.48
N ALA B 193 3.03 20.05 11.40
CA ALA B 193 3.64 20.12 10.09
C ALA B 193 3.32 21.46 9.44
N PHE B 194 4.36 22.22 9.10
CA PHE B 194 4.25 23.47 8.35
C PHE B 194 3.27 24.44 9.01
N CYS B 195 3.43 24.62 10.31
CA CYS B 195 2.65 25.64 10.98
C CYS B 195 3.50 26.90 11.25
N LEU B 196 4.36 26.78 12.26
CA LEU B 196 5.00 27.95 12.87
C LEU B 196 5.70 28.84 11.85
N GLU B 197 6.62 28.27 11.07
CA GLU B 197 7.36 29.07 10.10
C GLU B 197 6.47 29.59 8.98
N ALA B 198 5.19 29.19 8.97
CA ALA B 198 4.25 29.56 7.93
C ALA B 198 3.16 30.49 8.41
N VAL B 199 3.03 30.70 9.72
CA VAL B 199 2.04 31.61 10.27
C VAL B 199 2.69 32.64 11.19
N SER B 200 4.01 32.84 11.03
CA SER B 200 4.78 33.79 11.85
C SER B 200 5.61 34.73 10.98
N PRO B 201 5.51 36.04 11.19
CA PRO B 201 6.18 36.97 10.28
C PRO B 201 7.62 37.30 10.65
N ASP B 202 8.04 37.06 11.90
CA ASP B 202 9.42 37.32 12.31
C ASP B 202 9.88 36.25 13.30
N LEU B 203 11.21 36.05 13.37
CA LEU B 203 11.79 35.01 14.22
C LEU B 203 11.36 35.16 15.68
N ALA B 204 11.09 36.37 16.13
CA ALA B 204 10.55 36.51 17.47
C ALA B 204 9.17 35.89 17.59
N SER B 205 8.34 36.00 16.54
CA SER B 205 6.95 35.53 16.59
C SER B 205 6.89 34.01 16.67
N PHE B 206 7.65 33.36 15.79
CA PHE B 206 8.03 31.97 15.81
C PHE B 206 8.47 31.51 17.20
N GLN B 207 9.61 32.02 17.66
CA GLN B 207 10.20 31.59 18.92
C GLN B 207 9.20 31.68 20.08
N ARG B 208 8.31 32.68 20.04
CA ARG B 208 7.28 32.74 21.08
C ARG B 208 6.14 31.76 20.80
N ALA B 209 5.80 31.53 19.54
CA ALA B 209 4.78 30.53 19.25
C ALA B 209 5.26 29.13 19.64
N LEU B 210 6.53 28.83 19.37
CA LEU B 210 7.07 27.55 19.81
C LEU B 210 7.00 27.46 21.32
N ASP B 211 7.19 28.58 22.00
CA ASP B 211 7.06 28.62 23.45
C ASP B 211 5.62 28.33 23.88
N HIS B 212 4.63 28.81 23.10
CA HIS B 212 3.24 28.68 23.53
C HIS B 212 2.78 27.22 23.50
N ILE B 213 3.10 26.49 22.43
CA ILE B 213 2.65 25.10 22.32
C ILE B 213 3.40 24.19 23.31
N THR B 214 4.66 24.50 23.66
CA THR B 214 5.27 23.67 24.70
C THR B 214 4.60 23.83 26.06
N THR B 215 3.75 24.84 26.26
CA THR B 215 3.01 24.86 27.52
C THR B 215 1.99 23.76 27.58
N LEU B 216 1.74 23.10 26.43
CA LEU B 216 0.82 21.98 26.31
C LEU B 216 1.51 20.62 26.42
N LEU B 217 2.81 20.56 26.23
CA LEU B 217 3.55 19.31 26.26
C LEU B 217 4.06 19.06 27.68
N ARG B 218 3.67 17.94 28.26
CA ARG B 218 4.17 17.55 29.58
C ARG B 218 5.70 17.47 29.57
N PRO B 219 6.35 17.74 30.70
CA PRO B 219 7.82 17.61 30.75
C PRO B 219 8.23 16.19 30.42
N GLY B 220 9.28 16.05 29.61
CA GLY B 220 9.73 14.75 29.16
C GLY B 220 9.01 14.19 27.95
N GLY B 221 7.94 14.86 27.48
CA GLY B 221 7.28 14.46 26.26
C GLY B 221 8.01 14.95 25.03
N HIS B 222 7.63 14.39 23.89
CA HIS B 222 8.34 14.57 22.64
C HIS B 222 7.57 15.49 21.70
N LEU B 223 8.33 16.24 20.90
CA LEU B 223 7.79 17.15 19.90
C LEU B 223 8.31 16.75 18.54
N LEU B 224 7.40 16.56 17.58
CA LEU B 224 7.74 16.21 16.20
C LEU B 224 7.31 17.32 15.25
N LEU B 225 8.29 17.96 14.60
CA LEU B 225 8.08 19.18 13.83
C LEU B 225 8.53 19.01 12.39
N ILE B 226 7.77 19.60 11.47
CA ILE B 226 8.13 19.62 10.04
C ILE B 226 7.90 21.03 9.51
N GLY B 227 8.89 21.62 8.86
CA GLY B 227 8.69 22.96 8.38
C GLY B 227 9.41 23.28 7.10
N ALA B 228 9.06 24.44 6.55
CA ALA B 228 9.77 25.00 5.42
C ALA B 228 11.11 25.60 5.86
N LEU B 229 12.03 25.70 4.92
CA LEU B 229 13.36 26.20 5.19
C LEU B 229 13.62 27.37 4.25
N GLU B 230 14.09 28.48 4.81
CA GLU B 230 14.45 29.64 4.02
C GLU B 230 13.28 30.03 3.12
N GLU B 231 12.09 30.03 3.71
CA GLU B 231 10.86 30.41 3.02
C GLU B 231 10.37 31.74 3.57
N SER B 232 10.17 32.72 2.68
CA SER B 232 9.80 34.06 3.09
C SER B 232 8.45 34.53 2.56
N TRP B 233 7.92 33.89 1.53
CA TRP B 233 6.62 34.28 1.01
C TRP B 233 5.98 33.06 0.37
N TYR B 234 4.66 32.94 0.52
CA TYR B 234 3.88 31.96 -0.21
C TYR B 234 2.44 32.49 -0.34
N LEU B 235 1.66 31.82 -1.20
CA LEU B 235 0.30 32.23 -1.56
C LEU B 235 -0.74 31.35 -0.88
N ALA B 236 -1.47 31.92 0.08
CA ALA B 236 -2.66 31.30 0.66
C ALA B 236 -3.90 31.86 -0.05
N GLY B 237 -4.49 31.07 -0.94
CA GLY B 237 -5.58 31.55 -1.76
C GLY B 237 -5.12 32.68 -2.66
N GLU B 238 -5.60 33.90 -2.38
CA GLU B 238 -5.22 35.07 -3.15
C GLU B 238 -4.10 35.88 -2.52
N ALA B 239 -3.88 35.74 -1.21
CA ALA B 239 -2.98 36.62 -0.48
C ALA B 239 -1.52 36.20 -0.63
N ARG B 240 -0.63 37.20 -0.68
CA ARG B 240 0.81 36.99 -0.80
C ARG B 240 1.48 37.34 0.53
N LEU B 241 1.46 36.40 1.47
CA LEU B 241 1.84 36.81 2.82
C LEU B 241 3.34 36.63 3.04
N THR B 242 3.82 37.28 4.08
CA THR B 242 5.23 37.41 4.37
C THR B 242 5.52 36.72 5.69
N VAL B 243 6.52 35.82 5.68
CA VAL B 243 6.83 34.93 6.80
C VAL B 243 8.35 34.72 6.84
N VAL B 244 8.83 34.20 7.97
CA VAL B 244 10.26 34.21 8.30
C VAL B 244 11.07 33.22 7.46
N PRO B 245 12.16 33.70 6.81
CA PRO B 245 13.14 32.77 6.26
C PRO B 245 13.90 32.13 7.39
N VAL B 246 13.41 30.97 7.81
CA VAL B 246 13.98 30.20 8.89
C VAL B 246 15.05 29.25 8.34
N SER B 247 15.92 28.75 9.21
CA SER B 247 17.03 27.91 8.77
C SER B 247 17.24 26.75 9.74
N GLU B 248 18.00 25.75 9.27
CA GLU B 248 18.25 24.56 10.07
C GLU B 248 18.89 24.92 11.39
N GLU B 249 19.87 25.83 11.36
CA GLU B 249 20.60 26.20 12.56
C GLU B 249 19.78 27.11 13.46
N GLU B 250 19.01 28.05 12.89
CA GLU B 250 18.08 28.83 13.72
C GLU B 250 17.08 27.91 14.41
N VAL B 251 16.60 26.87 13.70
CA VAL B 251 15.59 25.97 14.27
C VAL B 251 16.12 25.22 15.48
N ARG B 252 17.35 24.70 15.40
CA ARG B 252 17.97 24.11 16.59
C ARG B 252 18.00 25.12 17.75
N GLU B 253 18.58 26.29 17.49
CA GLU B 253 18.79 27.28 18.55
C GLU B 253 17.47 27.58 19.23
N ALA B 254 16.38 27.65 18.46
CA ALA B 254 15.06 27.95 18.99
C ALA B 254 14.51 26.81 19.85
N LEU B 255 14.84 25.56 19.55
CA LEU B 255 14.31 24.48 20.37
C LEU B 255 14.98 24.44 21.73
N VAL B 256 16.31 24.56 21.74
CA VAL B 256 17.03 24.66 23.01
C VAL B 256 16.50 25.82 23.85
N ARG B 257 16.27 26.98 23.21
CA ARG B 257 15.75 28.16 23.89
C ARG B 257 14.42 27.92 24.59
N SER B 258 13.69 26.87 24.23
CA SER B 258 12.35 26.65 24.75
C SER B 258 12.26 25.48 25.73
N GLY B 259 13.35 24.78 25.98
CA GLY B 259 13.35 23.71 26.95
C GLY B 259 13.43 22.33 26.37
N TYR B 260 13.92 22.18 25.14
CA TYR B 260 14.08 20.89 24.51
C TYR B 260 15.55 20.51 24.43
N LYS B 261 15.81 19.20 24.30
CA LYS B 261 17.03 18.79 23.61
C LYS B 261 16.64 18.10 22.31
N VAL B 262 17.35 18.52 21.26
CA VAL B 262 17.23 18.02 19.91
C VAL B 262 17.87 16.64 19.85
N ARG B 263 17.06 15.63 19.51
CA ARG B 263 17.52 14.28 19.28
C ARG B 263 17.78 13.99 17.80
N ASP B 264 17.02 14.61 16.90
CA ASP B 264 17.16 14.42 15.46
C ASP B 264 16.83 15.74 14.76
N LEU B 265 17.50 15.98 13.64
CA LEU B 265 17.23 17.18 12.83
C LEU B 265 17.71 16.88 11.40
N ARG B 266 16.77 16.65 10.49
CA ARG B 266 17.12 16.23 9.13
C ARG B 266 16.66 17.27 8.13
N THR B 267 17.36 17.33 7.00
CA THR B 267 17.11 18.34 5.98
C THR B 267 16.84 17.70 4.63
N TYR B 268 15.76 18.13 3.98
CA TYR B 268 15.45 17.79 2.60
C TYR B 268 15.72 19.02 1.73
N ILE B 269 16.57 18.88 0.72
CA ILE B 269 16.83 19.96 -0.24
C ILE B 269 15.81 19.85 -1.37
N MET B 270 14.96 20.88 -1.50
CA MET B 270 13.85 20.98 -2.43
C MET B 270 14.37 20.94 -3.87
N PRO B 271 14.12 19.85 -4.63
CA PRO B 271 14.67 19.75 -5.99
C PRO B 271 14.02 20.77 -6.91
N ALA B 272 14.46 20.80 -8.16
CA ALA B 272 13.92 21.76 -9.11
C ALA B 272 12.51 21.39 -9.55
N HIS B 273 12.14 20.12 -9.41
CA HIS B 273 10.89 19.58 -9.96
C HIS B 273 9.65 20.26 -9.38
N LEU B 274 9.77 20.97 -8.25
CA LEU B 274 8.59 21.53 -7.57
C LEU B 274 8.80 22.97 -7.12
N GLN B 275 9.69 23.75 -7.77
CA GLN B 275 9.83 25.17 -7.47
C GLN B 275 8.94 25.96 -8.42
N THR B 276 7.63 25.95 -8.12
CA THR B 276 6.61 26.57 -8.96
C THR B 276 6.85 28.06 -9.19
N GLY B 277 6.69 28.83 -8.12
CA GLY B 277 6.45 30.25 -8.23
C GLY B 277 5.31 30.56 -7.31
N VAL B 278 5.00 29.58 -6.44
CA VAL B 278 4.04 29.71 -5.35
C VAL B 278 4.72 30.06 -4.02
N ASP B 279 6.04 29.89 -3.93
CA ASP B 279 6.80 30.01 -2.70
C ASP B 279 8.25 30.30 -3.07
N ASP B 280 9.06 30.64 -2.06
CA ASP B 280 10.51 30.59 -2.19
C ASP B 280 11.10 29.49 -1.30
N VAL B 281 10.37 28.38 -1.15
CA VAL B 281 10.79 27.29 -0.27
C VAL B 281 12.00 26.60 -0.86
N LYS B 282 13.11 26.62 -0.13
CA LYS B 282 14.36 26.02 -0.59
C LYS B 282 14.63 24.63 0.00
N GLY B 283 14.01 24.29 1.12
CA GLY B 283 14.08 22.96 1.66
C GLY B 283 13.00 22.73 2.70
N VAL B 284 13.02 21.53 3.31
CA VAL B 284 12.10 21.18 4.38
C VAL B 284 12.87 20.40 5.46
N PHE B 285 12.48 20.61 6.73
CA PHE B 285 13.18 20.05 7.87
C PHE B 285 12.22 19.24 8.73
N PHE B 286 12.78 18.23 9.41
CA PHE B 286 12.08 17.42 10.39
C PHE B 286 12.88 17.46 11.69
N ALA B 287 12.20 17.72 12.80
CA ALA B 287 12.84 17.80 14.11
C ALA B 287 12.14 16.92 15.15
N TRP B 288 12.95 16.11 15.85
CA TRP B 288 12.51 15.35 17.02
C TRP B 288 13.23 15.94 18.25
N ALA B 289 12.44 16.49 19.18
CA ALA B 289 12.97 17.14 20.37
C ALA B 289 12.13 16.76 21.58
N GLN B 290 12.77 16.71 22.74
CA GLN B 290 12.18 16.22 23.96
C GLN B 290 12.24 17.32 25.00
N LYS B 291 11.18 17.49 25.79
CA LYS B 291 11.10 18.63 26.71
C LYS B 291 11.78 18.31 28.05
N VAL B 292 12.69 19.18 28.48
CA VAL B 292 13.32 19.03 29.81
C VAL B 292 12.59 19.87 30.86
N SAH C . -5.14 -19.56 -12.32
CA SAH C . -6.57 -19.31 -12.17
CB SAH C . -7.39 -20.59 -12.14
CG SAH C . -8.59 -20.60 -13.09
SD SAH C . -9.85 -21.84 -12.66
C SAH C . -6.81 -18.53 -10.90
O SAH C . -7.96 -18.13 -10.63
OXT SAH C . -5.88 -18.30 -10.11
C5' SAH C . -9.30 -22.97 -13.98
C4' SAH C . -8.92 -22.35 -15.33
O4' SAH C . -8.41 -23.36 -16.19
C3' SAH C . -10.10 -21.72 -16.08
O3' SAH C . -9.83 -20.37 -16.41
C2' SAH C . -10.23 -22.48 -17.38
O2' SAH C . -10.44 -21.61 -18.46
C1' SAH C . -8.89 -23.18 -17.51
N9 SAH C . -9.12 -24.43 -18.26
C8 SAH C . -10.33 -25.06 -18.40
N7 SAH C . -10.15 -26.15 -19.16
C5 SAH C . -8.86 -26.25 -19.51
C6 SAH C . -8.16 -27.19 -20.28
N6 SAH C . -8.80 -28.25 -20.81
N1 SAH C . -6.81 -27.03 -20.47
C2 SAH C . -6.15 -25.94 -19.92
N3 SAH C . -6.86 -25.00 -19.17
C4 SAH C . -8.19 -25.17 -18.96
C1 EDO D . 9.49 -9.67 5.04
O1 EDO D . 10.71 -8.97 4.76
C2 EDO D . 8.72 -8.97 6.17
O2 EDO D . 7.30 -9.16 6.00
C1 EDO E . 7.69 -11.99 9.41
O1 EDO E . 8.18 -10.68 9.08
C2 EDO E . 6.22 -12.13 8.99
O2 EDO E . 5.58 -13.10 9.83
CD CD F . -9.33 -20.16 -4.51
K K G . -11.46 -23.38 -7.58
C U87 H . 0.01 20.13 6.27
N U87 H . -0.58 20.91 8.48
O U87 H . -0.06 20.16 5.01
N1 U87 H . -2.60 29.67 14.68
O1 U87 H . 0.86 19.46 6.91
C2 U87 H . -2.75 28.36 14.44
C4 U87 H . -2.88 28.71 12.16
C5 U87 H . -2.72 30.08 12.37
C6 U87 H . -2.57 30.56 13.66
C8 U87 H . -2.92 29.72 10.26
C11 U87 H . -0.60 25.11 5.39
C12 U87 H . 0.77 25.77 5.40
C13 U87 H . 1.83 24.92 4.68
CA U87 H . -0.99 20.93 7.06
CB U87 H . -1.11 22.34 6.48
CG U87 H . -0.36 23.48 7.19
ND U87 H . -1.02 24.73 6.75
C1' U87 H . -3.20 27.22 10.16
C14 U87 H . 2.21 25.47 3.32
C15 U87 H . 3.06 26.75 3.43
C16 U87 H . 5.07 25.87 2.42
C17 U87 H . 4.49 24.49 2.75
C18 U87 H . 2.99 24.42 2.54
C19 U87 H . 2.56 23.04 2.97
C2' U87 H . -3.82 27.50 8.81
C20 U87 H . 3.17 22.01 2.40
C21 U87 H . 4.56 22.18 1.91
C22 U87 H . 5.06 23.44 1.82
C3' U87 H . -3.36 26.35 7.95
C4' U87 H . -2.09 25.86 8.63
C5' U87 H . -0.88 25.85 7.71
N10 U87 H . 3.96 26.81 2.26
N3 U87 H . -2.90 27.87 13.20
N6 U87 H . -2.40 31.88 13.91
N7 U87 H . -2.74 30.68 11.18
N9 U87 H . -3.00 28.52 10.85
O2' U87 H . -5.25 27.59 8.89
O3' U87 H . -4.37 25.32 7.92
O4 U87 H . -1.94 26.68 9.81
CL1 U87 H . 5.41 20.70 1.44
CL2 U87 H . 6.26 23.96 0.63
C1 EDO I . -8.38 30.79 18.96
O1 EDO I . -8.55 30.96 20.38
C2 EDO I . -9.73 30.44 18.32
O2 EDO I . -10.13 31.47 17.39
#